data_3P4F
#
_entry.id   3P4F
#
_cell.length_a   53.850
_cell.length_b   81.350
_cell.length_c   81.780
_cell.angle_alpha   90.00
_cell.angle_beta   90.00
_cell.angle_gamma   90.00
#
_symmetry.space_group_name_H-M   'P 21 21 21'
#
loop_
_entity.id
_entity.type
_entity.pdbx_description
1 polymer 'WD repeat-containing protein 5'
2 polymer 'Retinoblastoma-binding protein 5'
3 polymer 'Histone-lysine N-methyltransferase MLL'
4 water water
#
loop_
_entity_poly.entity_id
_entity_poly.type
_entity_poly.pdbx_seq_one_letter_code
_entity_poly.pdbx_strand_id
1 'polypeptide(L)'
;GAMGSATQSKPTPVKPNYALKFTLAGHTKAVSSVKFSPNGEWLASSSADKLIKIWGAYDGKFEKTISGHKLGISDVAWSS
DSNLLVSASDDKTLKIWDVSSGKCLKTLKGHSNYVFCCNFNPQSNLIVSGSFDESVRIWDVKTGKCLKTLPAHSDPVSAV
HFNRDGSLIVSSSYDGLCRIWDTASGQCLKTLIDDDNPPVSFVKFSPNGKYILAATLDNTLKLWDYSKGKCLKTYTGHKN
EKYCIFANFSVTGGKWIVSGSEDNLVYIWNLQTKEIVQKLQGHTDVVISTACHPTENIIASAALENDKTIKLWKSDC
;
A
2 'polypeptide(L)' EDEEVDVTSVY B
3 'polypeptide(L)' HGAARAEVHL C
#
# COMPACT_ATOMS: atom_id res chain seq x y z
N VAL A 14 12.54 -1.05 24.37
CA VAL A 14 11.11 -0.73 24.43
C VAL A 14 10.34 -1.41 23.31
N LYS A 15 9.15 -1.99 23.64
CA LYS A 15 8.27 -2.70 22.70
C LYS A 15 6.85 -2.07 22.67
N PRO A 16 6.12 -2.08 21.51
CA PRO A 16 4.74 -1.55 21.52
C PRO A 16 3.82 -2.59 22.15
N ASN A 17 2.62 -2.15 22.53
CA ASN A 17 1.64 -3.04 23.15
C ASN A 17 0.32 -2.97 22.38
N TYR A 18 0.39 -3.21 21.05
CA TYR A 18 -0.81 -3.19 20.23
C TYR A 18 -1.79 -4.26 20.67
N ALA A 19 -3.05 -3.87 20.87
CA ALA A 19 -4.11 -4.74 21.33
C ALA A 19 -5.34 -4.42 20.54
N LEU A 20 -6.11 -5.47 20.26
CA LEU A 20 -7.33 -5.40 19.45
C LEU A 20 -8.37 -4.53 20.11
N LYS A 21 -8.81 -3.49 19.37
CA LYS A 21 -9.82 -2.56 19.87
C LYS A 21 -11.17 -2.80 19.24
N PHE A 22 -11.20 -2.98 17.92
CA PHE A 22 -12.42 -3.22 17.12
C PHE A 22 -12.13 -4.15 15.97
N THR A 23 -13.19 -4.80 15.45
CA THR A 23 -13.21 -5.63 14.27
C THR A 23 -14.35 -5.08 13.38
N LEU A 24 -14.03 -4.69 12.15
CA LEU A 24 -14.99 -4.13 11.24
C LEU A 24 -15.48 -5.15 10.24
N ALA A 25 -16.75 -5.45 10.24
CA ALA A 25 -17.27 -6.45 9.32
C ALA A 25 -18.30 -5.91 8.34
N GLY A 26 -18.13 -6.19 7.07
CA GLY A 26 -19.05 -5.71 6.07
C GLY A 26 -18.86 -6.26 4.69
N HIS A 27 -17.60 -6.44 4.34
CA HIS A 27 -17.20 -6.96 3.07
C HIS A 27 -17.58 -8.41 2.91
N THR A 28 -18.02 -8.76 1.71
CA THR A 28 -18.53 -10.12 1.44
C THR A 28 -17.53 -11.02 0.76
N LYS A 29 -16.42 -10.43 0.34
CA LYS A 29 -15.30 -11.12 -0.30
C LYS A 29 -14.01 -10.57 0.30
N ALA A 30 -12.86 -11.17 -0.03
CA ALA A 30 -11.54 -10.77 0.46
C ALA A 30 -11.33 -9.24 0.51
N VAL A 31 -10.76 -8.72 1.61
CA VAL A 31 -10.42 -7.30 1.73
C VAL A 31 -8.99 -7.25 1.14
N SER A 32 -8.72 -6.30 0.22
CA SER A 32 -7.43 -6.15 -0.47
C SER A 32 -6.56 -5.00 0.05
N SER A 33 -7.19 -3.90 0.54
CA SER A 33 -6.46 -2.71 0.98
C SER A 33 -7.19 -1.84 1.98
N VAL A 34 -6.49 -1.38 3.01
CA VAL A 34 -6.98 -0.44 4.03
C VAL A 34 -6.01 0.72 4.10
N LYS A 35 -6.56 1.94 4.13
CA LYS A 35 -5.79 3.17 4.16
C LYS A 35 -6.51 4.18 5.06
N PHE A 36 -5.73 4.90 5.88
CA PHE A 36 -6.25 5.94 6.74
C PHE A 36 -6.19 7.28 6.00
N SER A 37 -7.27 8.11 6.10
CA SER A 37 -7.29 9.45 5.50
C SER A 37 -6.20 10.29 6.13
N PRO A 38 -5.48 11.13 5.33
CA PRO A 38 -4.44 11.98 5.93
C PRO A 38 -4.87 12.84 7.12
N ASN A 39 -6.19 13.11 7.29
CA ASN A 39 -6.71 13.92 8.41
C ASN A 39 -6.99 13.11 9.71
N GLY A 40 -6.73 11.78 9.65
CA GLY A 40 -6.90 10.83 10.73
C GLY A 40 -8.33 10.41 11.04
N GLU A 41 -9.32 11.01 10.37
CA GLU A 41 -10.72 10.74 10.65
C GLU A 41 -11.26 9.42 10.13
N TRP A 42 -10.80 9.02 8.93
CA TRP A 42 -11.36 7.88 8.26
C TRP A 42 -10.41 6.76 7.88
N LEU A 43 -10.98 5.55 7.72
CA LEU A 43 -10.32 4.36 7.19
C LEU A 43 -11.12 3.96 5.92
N ALA A 44 -10.43 3.79 4.80
CA ALA A 44 -11.05 3.36 3.56
C ALA A 44 -10.57 1.93 3.30
N SER A 45 -11.47 1.06 2.85
CA SER A 45 -11.15 -0.33 2.50
C SER A 45 -11.62 -0.65 1.09
N SER A 46 -10.95 -1.57 0.42
CA SER A 46 -11.34 -1.98 -0.92
C SER A 46 -11.42 -3.48 -0.90
N SER A 47 -12.28 -4.06 -1.74
CA SER A 47 -12.47 -5.50 -1.69
C SER A 47 -12.76 -6.12 -3.04
N ALA A 48 -12.62 -7.48 -3.10
CA ALA A 48 -12.95 -8.31 -4.25
C ALA A 48 -14.47 -8.26 -4.51
N ASP A 49 -15.28 -7.78 -3.52
CA ASP A 49 -16.73 -7.61 -3.59
C ASP A 49 -17.16 -6.37 -4.40
N LYS A 50 -16.19 -5.73 -5.10
CA LYS A 50 -16.35 -4.52 -5.97
C LYS A 50 -16.66 -3.22 -5.19
N LEU A 51 -16.60 -3.26 -3.85
CA LEU A 51 -16.92 -2.08 -3.05
C LEU A 51 -15.73 -1.41 -2.34
N ILE A 52 -15.91 -0.13 -2.02
CA ILE A 52 -15.06 0.70 -1.17
C ILE A 52 -15.93 0.98 0.06
N LYS A 53 -15.34 0.88 1.24
CA LYS A 53 -16.10 1.14 2.46
C LYS A 53 -15.37 2.16 3.30
N ILE A 54 -16.11 3.08 3.90
CA ILE A 54 -15.57 4.13 4.76
C ILE A 54 -16.02 3.83 6.18
N TRP A 55 -15.07 3.85 7.11
CA TRP A 55 -15.25 3.56 8.52
C TRP A 55 -14.58 4.66 9.35
N GLY A 56 -15.06 4.87 10.58
CA GLY A 56 -14.43 5.79 11.52
C GLY A 56 -13.08 5.23 11.96
N ALA A 57 -12.00 6.05 11.85
CA ALA A 57 -10.64 5.62 12.20
C ALA A 57 -10.42 5.35 13.67
N TYR A 58 -11.23 5.97 14.53
CA TYR A 58 -11.08 5.82 15.98
C TYR A 58 -12.02 4.80 16.62
N ASP A 59 -13.28 4.71 16.16
CA ASP A 59 -14.30 3.80 16.69
C ASP A 59 -14.65 2.60 15.77
N GLY A 60 -14.20 2.65 14.53
CA GLY A 60 -14.50 1.59 13.56
C GLY A 60 -15.93 1.61 13.03
N LYS A 61 -16.68 2.68 13.35
CA LYS A 61 -18.07 2.89 12.97
C LYS A 61 -18.20 2.96 11.46
N PHE A 62 -19.05 2.12 10.87
CA PHE A 62 -19.27 2.12 9.43
C PHE A 62 -19.89 3.47 9.00
N GLU A 63 -19.38 4.05 7.91
CA GLU A 63 -19.86 5.34 7.42
C GLU A 63 -20.68 5.19 6.15
N LYS A 64 -20.06 4.73 5.04
CA LYS A 64 -20.73 4.52 3.76
C LYS A 64 -20.06 3.45 2.89
N THR A 65 -20.79 3.03 1.81
CA THR A 65 -20.35 2.09 0.78
C THR A 65 -20.22 2.90 -0.51
N ILE A 66 -19.11 2.72 -1.22
CA ILE A 66 -18.85 3.40 -2.48
C ILE A 66 -18.76 2.32 -3.57
N SER A 67 -19.64 2.44 -4.58
CA SER A 67 -19.77 1.46 -5.66
C SER A 67 -19.74 2.05 -7.04
N GLY A 68 -19.47 1.19 -7.99
CA GLY A 68 -19.30 1.54 -9.38
C GLY A 68 -18.38 0.65 -10.20
N HIS A 69 -17.32 0.13 -9.61
CA HIS A 69 -16.42 -0.79 -10.28
C HIS A 69 -17.17 -2.06 -10.67
N LYS A 70 -16.87 -2.57 -11.87
CA LYS A 70 -17.48 -3.73 -12.51
C LYS A 70 -16.90 -5.05 -12.01
N LEU A 71 -15.62 -5.04 -11.58
CA LEU A 71 -14.93 -6.20 -11.01
C LEU A 71 -14.27 -5.80 -9.68
N GLY A 72 -13.55 -6.74 -9.07
CA GLY A 72 -12.88 -6.51 -7.77
C GLY A 72 -11.79 -5.45 -7.77
N ILE A 73 -11.57 -4.85 -6.60
CA ILE A 73 -10.57 -3.78 -6.39
C ILE A 73 -9.37 -4.35 -5.60
N SER A 74 -8.14 -4.05 -6.05
CA SER A 74 -6.89 -4.49 -5.43
C SER A 74 -6.25 -3.43 -4.51
N ASP A 75 -6.61 -2.14 -4.70
CA ASP A 75 -6.02 -1.04 -3.95
C ASP A 75 -6.93 0.18 -3.96
N VAL A 76 -6.76 1.04 -2.94
CA VAL A 76 -7.45 2.30 -2.74
C VAL A 76 -6.44 3.27 -2.14
N ALA A 77 -6.58 4.57 -2.42
CA ALA A 77 -5.65 5.58 -1.88
C ALA A 77 -6.39 6.92 -1.73
N TRP A 78 -6.02 7.70 -0.72
CA TRP A 78 -6.57 9.00 -0.37
C TRP A 78 -5.82 10.19 -0.96
N SER A 79 -6.55 11.30 -1.20
CA SER A 79 -5.95 12.54 -1.64
C SER A 79 -5.45 13.25 -0.38
N SER A 80 -4.56 14.21 -0.55
CA SER A 80 -4.00 14.95 0.58
C SER A 80 -5.00 15.70 1.46
N ASP A 81 -6.07 16.24 0.87
CA ASP A 81 -7.11 16.96 1.63
C ASP A 81 -8.17 16.06 2.27
N SER A 82 -8.04 14.73 2.07
CA SER A 82 -8.90 13.65 2.54
C SER A 82 -10.31 13.70 1.87
N ASN A 83 -10.42 14.40 0.73
CA ASN A 83 -11.70 14.52 0.04
C ASN A 83 -11.94 13.54 -1.06
N LEU A 84 -10.86 13.03 -1.69
CA LEU A 84 -10.98 12.08 -2.80
C LEU A 84 -10.28 10.76 -2.54
N LEU A 85 -10.67 9.74 -3.32
CA LEU A 85 -10.10 8.40 -3.35
C LEU A 85 -9.92 7.98 -4.77
N VAL A 86 -8.89 7.18 -5.00
CA VAL A 86 -8.65 6.53 -6.27
C VAL A 86 -8.69 5.04 -5.94
N SER A 87 -9.23 4.21 -6.82
CA SER A 87 -9.25 2.76 -6.59
C SER A 87 -8.68 2.07 -7.81
N ALA A 88 -8.02 0.91 -7.65
CA ALA A 88 -7.40 0.17 -8.76
C ALA A 88 -8.17 -1.14 -8.93
N SER A 89 -8.76 -1.36 -10.13
CA SER A 89 -9.63 -2.51 -10.44
C SER A 89 -9.20 -3.53 -11.48
N ASP A 90 -9.74 -4.77 -11.35
CA ASP A 90 -9.59 -5.87 -12.30
C ASP A 90 -10.37 -5.51 -13.58
N ASP A 91 -11.33 -4.56 -13.48
CA ASP A 91 -12.11 -4.05 -14.61
C ASP A 91 -11.25 -3.20 -15.59
N LYS A 92 -9.91 -3.13 -15.32
CA LYS A 92 -8.84 -2.45 -16.10
C LYS A 92 -8.82 -0.94 -15.94
N THR A 93 -9.69 -0.40 -15.08
CA THR A 93 -9.74 1.04 -14.85
C THR A 93 -9.40 1.41 -13.39
N LEU A 94 -9.21 2.71 -13.14
CA LEU A 94 -9.09 3.30 -11.82
C LEU A 94 -10.29 4.25 -11.78
N LYS A 95 -10.74 4.64 -10.59
CA LYS A 95 -11.84 5.59 -10.51
C LYS A 95 -11.53 6.65 -9.46
N ILE A 96 -11.76 7.95 -9.78
CA ILE A 96 -11.56 9.02 -8.80
C ILE A 96 -12.92 9.20 -8.18
N TRP A 97 -12.99 9.27 -6.84
CA TRP A 97 -14.25 9.38 -6.14
C TRP A 97 -14.31 10.60 -5.24
N ASP A 98 -15.48 11.23 -5.14
CA ASP A 98 -15.67 12.30 -4.17
C ASP A 98 -16.18 11.50 -2.95
N VAL A 99 -15.50 11.61 -1.80
CA VAL A 99 -15.82 10.86 -0.57
C VAL A 99 -17.19 11.23 0.02
N SER A 100 -17.43 12.55 0.21
CA SER A 100 -18.66 13.11 0.77
C SER A 100 -19.94 12.69 0.04
N SER A 101 -19.90 12.65 -1.30
CA SER A 101 -21.08 12.26 -2.09
C SER A 101 -21.11 10.77 -2.42
N GLY A 102 -19.94 10.19 -2.68
CA GLY A 102 -19.81 8.79 -3.06
C GLY A 102 -19.82 8.64 -4.57
N LYS A 103 -19.83 9.80 -5.27
CA LYS A 103 -19.87 9.87 -6.74
C LYS A 103 -18.51 9.67 -7.39
N CYS A 104 -18.51 8.97 -8.53
CA CYS A 104 -17.32 8.73 -9.36
C CYS A 104 -17.10 10.00 -10.17
N LEU A 105 -15.99 10.71 -9.91
CA LEU A 105 -15.67 11.95 -10.62
C LEU A 105 -15.15 11.67 -12.02
N LYS A 106 -14.27 10.66 -12.16
CA LYS A 106 -13.64 10.24 -13.41
C LYS A 106 -13.38 8.74 -13.39
N THR A 107 -13.30 8.13 -14.58
CA THR A 107 -12.92 6.74 -14.79
C THR A 107 -11.68 6.85 -15.64
N LEU A 108 -10.56 6.41 -15.08
CA LEU A 108 -9.27 6.47 -15.73
C LEU A 108 -9.09 5.20 -16.57
N LYS A 109 -9.04 5.35 -17.88
CA LYS A 109 -8.91 4.24 -18.82
C LYS A 109 -7.64 4.31 -19.66
N GLY A 110 -6.87 3.24 -19.66
CA GLY A 110 -5.64 3.18 -20.44
C GLY A 110 -5.01 1.80 -20.42
N HIS A 111 -5.04 1.19 -19.25
CA HIS A 111 -4.46 -0.12 -19.01
C HIS A 111 -5.18 -1.23 -19.75
N SER A 112 -4.41 -2.18 -20.19
CA SER A 112 -4.94 -3.29 -20.96
C SER A 112 -5.11 -4.59 -20.14
N ASN A 113 -4.98 -4.49 -18.82
CA ASN A 113 -5.10 -5.61 -17.87
C ASN A 113 -5.36 -5.02 -16.51
N TYR A 114 -5.67 -5.88 -15.50
CA TYR A 114 -5.99 -5.51 -14.12
C TYR A 114 -5.08 -4.40 -13.59
N VAL A 115 -5.69 -3.38 -12.97
CA VAL A 115 -4.93 -2.31 -12.31
C VAL A 115 -4.74 -2.79 -10.85
N PHE A 116 -3.48 -2.92 -10.44
CA PHE A 116 -3.10 -3.49 -9.16
C PHE A 116 -2.90 -2.48 -8.01
N CYS A 117 -2.19 -1.40 -8.29
CA CYS A 117 -1.81 -0.42 -7.29
C CYS A 117 -2.09 1.00 -7.71
N CYS A 118 -2.20 1.90 -6.72
CA CYS A 118 -2.48 3.30 -7.01
C CYS A 118 -2.08 4.24 -5.86
N ASN A 119 -1.82 5.50 -6.21
CA ASN A 119 -1.42 6.54 -5.28
C ASN A 119 -1.51 7.92 -5.88
N PHE A 120 -1.85 8.90 -5.05
CA PHE A 120 -1.90 10.33 -5.38
C PHE A 120 -0.50 10.86 -4.99
N ASN A 121 -0.06 11.95 -5.62
CA ASN A 121 1.20 12.58 -5.24
C ASN A 121 0.87 13.53 -4.08
N PRO A 122 1.85 14.07 -3.30
CA PRO A 122 1.49 14.98 -2.19
C PRO A 122 0.57 16.15 -2.55
N GLN A 123 0.78 16.76 -3.73
CA GLN A 123 -0.03 17.88 -4.21
C GLN A 123 -1.45 17.45 -4.56
N SER A 124 -1.63 16.16 -4.96
CA SER A 124 -2.86 15.47 -5.36
C SER A 124 -3.42 15.94 -6.70
N ASN A 125 -2.54 16.47 -7.55
CA ASN A 125 -2.91 16.90 -8.90
C ASN A 125 -2.64 15.76 -9.88
N LEU A 126 -1.88 14.73 -9.44
CA LEU A 126 -1.51 13.54 -10.22
C LEU A 126 -1.85 12.22 -9.48
N ILE A 127 -2.06 11.14 -10.26
CA ILE A 127 -2.27 9.77 -9.80
C ILE A 127 -1.27 8.90 -10.53
N VAL A 128 -0.64 7.97 -9.80
CA VAL A 128 0.26 6.96 -10.35
C VAL A 128 -0.42 5.61 -10.14
N SER A 129 -0.42 4.76 -11.19
CA SER A 129 -1.00 3.43 -11.16
C SER A 129 -0.04 2.43 -11.77
N GLY A 130 -0.13 1.19 -11.34
CA GLY A 130 0.66 0.08 -11.83
C GLY A 130 -0.29 -1.05 -12.17
N SER A 131 0.06 -1.85 -13.17
CA SER A 131 -0.82 -2.88 -13.66
C SER A 131 -0.15 -4.18 -14.06
N PHE A 132 -1.00 -5.21 -14.26
CA PHE A 132 -0.63 -6.54 -14.74
C PHE A 132 -0.15 -6.43 -16.22
N ASP A 133 -0.59 -5.36 -16.92
CA ASP A 133 -0.14 -5.10 -18.29
C ASP A 133 1.35 -4.64 -18.33
N GLU A 134 2.05 -4.67 -17.16
CA GLU A 134 3.49 -4.40 -17.00
C GLU A 134 3.95 -2.94 -17.06
N SER A 135 3.01 -1.99 -17.09
CA SER A 135 3.35 -0.57 -17.18
C SER A 135 3.01 0.23 -15.91
N VAL A 136 3.48 1.49 -15.87
CA VAL A 136 3.16 2.45 -14.82
C VAL A 136 2.51 3.65 -15.56
N ARG A 137 1.34 4.12 -15.10
CA ARG A 137 0.69 5.27 -15.69
C ARG A 137 0.59 6.47 -14.77
N ILE A 138 0.76 7.69 -15.32
CA ILE A 138 0.64 8.95 -14.60
C ILE A 138 -0.58 9.63 -15.18
N TRP A 139 -1.56 9.92 -14.32
CA TRP A 139 -2.85 10.45 -14.74
C TRP A 139 -3.08 11.81 -14.16
N ASP A 140 -3.82 12.64 -14.88
CA ASP A 140 -4.22 13.98 -14.42
C ASP A 140 -5.52 13.81 -13.66
N VAL A 141 -5.56 14.25 -12.40
CA VAL A 141 -6.73 14.15 -11.52
C VAL A 141 -7.95 14.95 -12.08
N LYS A 142 -7.74 16.24 -12.40
CA LYS A 142 -8.71 17.20 -12.91
C LYS A 142 -9.42 16.73 -14.20
N THR A 143 -8.68 16.12 -15.15
CA THR A 143 -9.23 15.69 -16.45
C THR A 143 -9.49 14.19 -16.62
N GLY A 144 -8.80 13.35 -15.84
CA GLY A 144 -8.87 11.90 -15.94
C GLY A 144 -8.03 11.36 -17.08
N LYS A 145 -7.21 12.23 -17.69
CA LYS A 145 -6.37 11.87 -18.83
C LYS A 145 -5.05 11.33 -18.37
N CYS A 146 -4.58 10.30 -19.07
CA CYS A 146 -3.28 9.70 -18.84
C CYS A 146 -2.24 10.64 -19.42
N LEU A 147 -1.34 11.14 -18.58
CA LEU A 147 -0.29 12.09 -18.99
C LEU A 147 0.96 11.38 -19.49
N LYS A 148 1.25 10.18 -18.97
CA LYS A 148 2.46 9.41 -19.30
C LYS A 148 2.23 7.93 -19.11
N THR A 149 2.82 7.13 -20.01
CA THR A 149 2.78 5.67 -19.94
C THR A 149 4.23 5.24 -19.87
N LEU A 150 4.63 4.69 -18.74
CA LEU A 150 6.00 4.26 -18.56
C LEU A 150 6.14 2.76 -18.89
N PRO A 151 7.09 2.33 -19.76
CA PRO A 151 7.27 0.89 -20.02
C PRO A 151 8.13 0.33 -18.89
N ALA A 152 7.58 0.44 -17.66
CA ALA A 152 8.24 0.19 -16.38
C ALA A 152 8.92 -1.14 -16.17
N HIS A 153 8.22 -2.22 -16.46
CA HIS A 153 8.70 -3.55 -16.14
C HIS A 153 8.40 -4.58 -17.21
N SER A 154 8.80 -5.83 -16.95
CA SER A 154 8.63 -6.96 -17.87
C SER A 154 7.79 -8.09 -17.21
N ASP A 155 6.99 -7.73 -16.19
CA ASP A 155 6.10 -8.58 -15.39
C ASP A 155 5.15 -7.64 -14.61
N PRO A 156 4.04 -8.17 -14.02
CA PRO A 156 3.11 -7.31 -13.28
C PRO A 156 3.76 -6.30 -12.32
N VAL A 157 3.19 -5.08 -12.25
CA VAL A 157 3.64 -3.97 -11.39
C VAL A 157 2.90 -4.09 -10.05
N SER A 158 3.63 -4.51 -9.00
CA SER A 158 3.05 -4.74 -7.67
C SER A 158 2.81 -3.51 -6.81
N ALA A 159 3.64 -2.46 -6.94
CA ALA A 159 3.50 -1.22 -6.15
C ALA A 159 3.99 0.04 -6.86
N VAL A 160 3.39 1.18 -6.55
CA VAL A 160 3.71 2.52 -7.06
C VAL A 160 3.53 3.50 -5.91
N HIS A 161 4.53 4.33 -5.70
CA HIS A 161 4.50 5.28 -4.62
C HIS A 161 5.25 6.56 -5.03
N PHE A 162 4.68 7.74 -4.74
CA PHE A 162 5.35 9.01 -4.98
C PHE A 162 6.17 9.36 -3.72
N ASN A 163 7.26 10.08 -3.86
CA ASN A 163 7.99 10.54 -2.71
C ASN A 163 7.39 11.84 -2.12
N ARG A 164 8.09 12.37 -1.14
CA ARG A 164 7.69 13.42 -0.25
C ARG A 164 7.24 14.72 -0.96
N ASP A 165 7.90 15.07 -2.05
CA ASP A 165 7.59 16.22 -2.87
C ASP A 165 6.98 15.92 -4.25
N GLY A 166 6.61 14.67 -4.52
CA GLY A 166 6.05 14.24 -5.81
C GLY A 166 7.00 14.18 -7.00
N SER A 167 8.29 14.50 -6.78
CA SER A 167 9.36 14.56 -7.79
C SER A 167 9.77 13.19 -8.31
N LEU A 168 9.58 12.13 -7.48
CA LEU A 168 9.96 10.77 -7.86
C LEU A 168 8.84 9.76 -7.67
N ILE A 169 8.91 8.65 -8.42
CA ILE A 169 8.02 7.51 -8.31
C ILE A 169 8.90 6.28 -8.14
N VAL A 170 8.56 5.44 -7.18
CA VAL A 170 9.20 4.14 -7.02
C VAL A 170 8.13 3.12 -7.45
N SER A 171 8.53 2.12 -8.23
CA SER A 171 7.65 1.03 -8.66
C SER A 171 8.35 -0.30 -8.37
N SER A 172 7.58 -1.37 -8.14
CA SER A 172 8.12 -2.72 -7.92
C SER A 172 7.39 -3.69 -8.83
N SER A 173 8.02 -4.87 -9.12
CA SER A 173 7.40 -5.84 -10.02
C SER A 173 7.82 -7.28 -9.73
N TYR A 174 7.05 -8.25 -10.25
CA TYR A 174 7.38 -9.67 -10.13
C TYR A 174 8.69 -10.01 -10.89
N ASP A 175 9.13 -9.10 -11.80
CA ASP A 175 10.36 -9.21 -12.59
C ASP A 175 11.65 -9.10 -11.76
N GLY A 176 11.47 -8.85 -10.46
CA GLY A 176 12.55 -8.75 -9.48
C GLY A 176 13.15 -7.38 -9.25
N LEU A 177 12.62 -6.35 -9.90
CA LEU A 177 13.21 -5.01 -9.78
C LEU A 177 12.33 -3.98 -9.13
N CYS A 178 13.00 -2.93 -8.59
CA CYS A 178 12.41 -1.69 -8.10
C CYS A 178 12.99 -0.67 -9.02
N ARG A 179 12.18 0.32 -9.42
CA ARG A 179 12.64 1.39 -10.28
C ARG A 179 12.23 2.76 -9.71
N ILE A 180 13.13 3.76 -9.90
CA ILE A 180 12.97 5.15 -9.48
C ILE A 180 12.84 5.97 -10.76
N TRP A 181 11.72 6.69 -10.87
CA TRP A 181 11.36 7.47 -12.05
C TRP A 181 11.25 8.95 -11.71
N ASP A 182 11.62 9.81 -12.67
CA ASP A 182 11.48 11.25 -12.56
C ASP A 182 10.04 11.54 -12.98
N THR A 183 9.25 12.14 -12.09
CA THR A 183 7.83 12.39 -12.40
C THR A 183 7.61 13.25 -13.66
N ALA A 184 8.36 14.34 -13.78
CA ALA A 184 8.26 15.32 -14.82
C ALA A 184 8.69 14.81 -16.21
N SER A 185 9.84 14.12 -16.29
CA SER A 185 10.38 13.60 -17.55
C SER A 185 9.88 12.20 -17.90
N GLY A 186 9.62 11.41 -16.87
CA GLY A 186 9.19 10.01 -17.03
C GLY A 186 10.40 9.10 -17.16
N GLN A 187 11.59 9.69 -17.08
CA GLN A 187 12.84 8.95 -17.19
C GLN A 187 13.11 8.09 -15.94
N CYS A 188 13.57 6.87 -16.17
CA CYS A 188 14.03 5.95 -15.16
C CYS A 188 15.37 6.47 -14.67
N LEU A 189 15.48 6.76 -13.36
CA LEU A 189 16.72 7.26 -12.76
C LEU A 189 17.60 6.19 -12.12
N LYS A 190 17.00 5.12 -11.58
CA LYS A 190 17.71 4.02 -10.89
C LYS A 190 16.96 2.73 -11.11
N THR A 191 17.68 1.61 -11.23
CA THR A 191 17.09 0.27 -11.26
C THR A 191 17.76 -0.46 -10.08
N LEU A 192 16.98 -0.96 -9.09
CA LEU A 192 17.58 -1.67 -7.96
C LEU A 192 17.74 -3.16 -8.21
N ILE A 193 19.00 -3.67 -8.00
CA ILE A 193 19.40 -5.08 -8.16
C ILE A 193 19.77 -5.62 -6.77
N ASP A 194 19.14 -6.74 -6.37
CA ASP A 194 19.27 -7.32 -5.04
C ASP A 194 20.40 -8.37 -4.79
N ASP A 195 21.28 -8.63 -5.79
CA ASP A 195 22.30 -9.70 -5.70
C ASP A 195 21.56 -11.09 -5.73
N ASP A 196 20.27 -11.01 -6.13
CA ASP A 196 19.25 -12.03 -6.43
C ASP A 196 17.98 -11.35 -6.99
N ASN A 197 17.09 -12.15 -7.63
CA ASN A 197 15.89 -11.67 -8.33
C ASN A 197 14.54 -12.14 -7.81
N PRO A 198 14.25 -12.25 -6.48
CA PRO A 198 12.90 -12.69 -6.12
C PRO A 198 11.87 -11.63 -6.49
N PRO A 199 10.63 -12.03 -6.87
CA PRO A 199 9.61 -11.03 -7.21
C PRO A 199 9.45 -9.96 -6.14
N VAL A 200 9.37 -8.69 -6.55
CA VAL A 200 9.22 -7.59 -5.59
C VAL A 200 7.72 -7.35 -5.49
N SER A 201 7.16 -7.56 -4.29
CA SER A 201 5.71 -7.51 -4.08
C SER A 201 5.19 -6.22 -3.46
N PHE A 202 6.10 -5.38 -2.96
CA PHE A 202 5.77 -4.11 -2.32
C PHE A 202 6.97 -3.21 -2.27
N VAL A 203 6.70 -1.92 -2.40
CA VAL A 203 7.69 -0.87 -2.32
C VAL A 203 7.01 0.41 -1.89
N LYS A 204 7.75 1.25 -1.13
CA LYS A 204 7.33 2.58 -0.71
C LYS A 204 8.50 3.39 -0.20
N PHE A 205 8.46 4.69 -0.41
CA PHE A 205 9.48 5.59 0.11
C PHE A 205 9.29 5.72 1.61
N SER A 206 10.37 6.03 2.33
CA SER A 206 10.27 6.35 3.75
C SER A 206 9.63 7.79 3.84
N PRO A 207 9.09 8.23 5.00
CA PRO A 207 8.48 9.59 5.05
C PRO A 207 9.36 10.75 4.53
N ASN A 208 10.70 10.67 4.71
CA ASN A 208 11.67 11.69 4.27
C ASN A 208 12.18 11.49 2.85
N GLY A 209 11.73 10.43 2.18
CA GLY A 209 12.05 10.10 0.79
C GLY A 209 13.47 9.61 0.53
N LYS A 210 14.25 9.43 1.60
CA LYS A 210 15.64 8.99 1.52
C LYS A 210 15.81 7.50 1.33
N TYR A 211 14.85 6.69 1.78
CA TYR A 211 14.92 5.22 1.70
C TYR A 211 13.67 4.67 1.07
N ILE A 212 13.74 3.41 0.65
CA ILE A 212 12.62 2.65 0.09
C ILE A 212 12.51 1.36 0.86
N LEU A 213 11.28 0.98 1.24
CA LEU A 213 11.04 -0.28 1.93
C LEU A 213 10.49 -1.23 0.86
N ALA A 214 11.20 -2.33 0.55
CA ALA A 214 10.74 -3.31 -0.44
C ALA A 214 10.48 -4.70 0.13
N ALA A 215 9.34 -5.31 -0.23
CA ALA A 215 8.98 -6.69 0.16
C ALA A 215 9.23 -7.64 -0.98
N THR A 216 9.85 -8.79 -0.70
CA THR A 216 10.09 -9.79 -1.74
C THR A 216 9.40 -11.10 -1.38
N LEU A 217 9.00 -11.86 -2.41
CA LEU A 217 8.33 -13.14 -2.25
C LEU A 217 9.24 -14.29 -1.78
N ASP A 218 10.12 -14.00 -0.79
CA ASP A 218 11.05 -14.91 -0.11
C ASP A 218 11.05 -14.66 1.40
N ASN A 219 9.91 -14.12 1.93
CA ASN A 219 9.68 -13.84 3.36
C ASN A 219 10.70 -12.81 3.89
N THR A 220 10.99 -11.77 3.08
CA THR A 220 11.96 -10.74 3.42
C THR A 220 11.43 -9.33 3.08
N LEU A 221 11.70 -8.36 3.98
CA LEU A 221 11.48 -6.92 3.82
C LEU A 221 12.88 -6.28 3.86
N LYS A 222 13.12 -5.33 2.97
CA LYS A 222 14.44 -4.70 2.89
C LYS A 222 14.31 -3.20 2.84
N LEU A 223 15.13 -2.52 3.65
CA LEU A 223 15.20 -1.08 3.68
C LEU A 223 16.44 -0.68 2.88
N TRP A 224 16.23 -0.12 1.69
CA TRP A 224 17.33 0.30 0.79
C TRP A 224 17.60 1.79 0.83
N ASP A 225 18.90 2.19 0.70
CA ASP A 225 19.29 3.56 0.44
C ASP A 225 19.39 3.50 -1.10
N TYR A 226 18.28 3.79 -1.80
CA TYR A 226 18.13 3.68 -3.26
C TYR A 226 19.17 4.52 -4.07
N SER A 227 19.51 5.75 -3.55
CA SER A 227 20.49 6.66 -4.13
C SER A 227 21.85 5.96 -4.27
N LYS A 228 22.32 5.31 -3.16
CA LYS A 228 23.57 4.55 -3.09
C LYS A 228 23.39 3.09 -3.50
N GLY A 229 22.15 2.63 -3.71
CA GLY A 229 21.82 1.25 -4.07
C GLY A 229 22.30 0.20 -3.08
N LYS A 230 22.19 0.49 -1.76
CA LYS A 230 22.64 -0.39 -0.67
C LYS A 230 21.52 -0.74 0.33
N CYS A 231 21.50 -2.02 0.79
CA CYS A 231 20.52 -2.51 1.74
C CYS A 231 21.03 -2.23 3.13
N LEU A 232 20.25 -1.49 3.92
CA LEU A 232 20.68 -1.11 5.26
C LEU A 232 20.08 -1.94 6.38
N LYS A 233 18.90 -2.51 6.15
CA LYS A 233 18.19 -3.32 7.14
C LYS A 233 17.39 -4.40 6.43
N THR A 234 17.29 -5.57 7.05
CA THR A 234 16.51 -6.72 6.59
C THR A 234 15.55 -7.19 7.70
N TYR A 235 14.26 -7.40 7.35
CA TYR A 235 13.26 -7.85 8.30
C TYR A 235 12.68 -9.15 7.81
N THR A 236 12.80 -10.20 8.64
CA THR A 236 12.31 -11.52 8.28
C THR A 236 11.61 -12.17 9.50
N GLY A 237 11.30 -13.45 9.41
CA GLY A 237 10.62 -14.16 10.49
C GLY A 237 9.16 -14.47 10.23
N HIS A 238 8.53 -13.74 9.28
CA HIS A 238 7.13 -13.84 8.82
C HIS A 238 6.99 -14.71 7.53
N LYS A 239 5.74 -14.91 7.06
CA LYS A 239 5.49 -15.66 5.82
C LYS A 239 5.00 -14.75 4.73
N ASN A 240 5.73 -14.73 3.59
CA ASN A 240 5.39 -13.96 2.40
C ASN A 240 6.05 -14.53 1.16
N GLU A 241 5.33 -15.44 0.48
CA GLU A 241 5.81 -16.05 -0.75
C GLU A 241 4.79 -16.05 -1.83
N LYS A 242 3.52 -15.72 -1.53
CA LYS A 242 2.43 -15.84 -2.50
C LYS A 242 1.58 -14.60 -2.75
N TYR A 243 1.67 -13.58 -1.89
CA TYR A 243 0.81 -12.38 -1.97
C TYR A 243 1.52 -11.04 -1.91
N CYS A 244 0.94 -10.01 -2.52
CA CYS A 244 1.52 -8.67 -2.44
C CYS A 244 0.97 -7.97 -1.23
N ILE A 245 1.67 -8.17 -0.11
CA ILE A 245 1.33 -7.65 1.21
C ILE A 245 1.94 -6.27 1.40
N PHE A 246 1.12 -5.35 1.89
CA PHE A 246 1.51 -3.98 2.23
C PHE A 246 2.38 -3.96 3.50
N ALA A 247 3.42 -3.16 3.47
CA ALA A 247 4.31 -2.98 4.62
C ALA A 247 4.30 -1.48 4.98
N ASN A 248 4.66 -1.15 6.22
CA ASN A 248 4.61 0.24 6.66
C ASN A 248 5.78 0.65 7.52
N PHE A 249 5.96 1.98 7.63
CA PHE A 249 6.83 2.65 8.60
C PHE A 249 5.86 3.18 9.66
N SER A 250 5.95 2.70 10.89
CA SER A 250 5.16 3.18 12.02
C SER A 250 6.08 4.19 12.73
N VAL A 251 5.70 5.49 12.71
CA VAL A 251 6.53 6.59 13.21
C VAL A 251 5.85 7.50 14.30
N THR A 252 4.60 7.19 14.70
CA THR A 252 3.82 7.95 15.70
C THR A 252 4.39 7.95 17.12
N GLY A 253 4.97 6.81 17.51
CA GLY A 253 5.61 6.59 18.81
C GLY A 253 7.03 6.18 18.56
N GLY A 254 7.33 4.92 18.80
CA GLY A 254 8.62 4.33 18.46
C GLY A 254 8.66 4.05 16.97
N LYS A 255 9.83 3.69 16.46
CA LYS A 255 9.99 3.40 15.04
C LYS A 255 9.91 1.91 14.78
N TRP A 256 8.84 1.50 14.11
CA TRP A 256 8.58 0.09 13.79
C TRP A 256 8.40 -0.11 12.30
N ILE A 257 8.44 -1.36 11.86
CA ILE A 257 8.12 -1.83 10.53
C ILE A 257 6.91 -2.76 10.78
N VAL A 258 5.80 -2.46 10.15
CA VAL A 258 4.55 -3.19 10.31
C VAL A 258 4.28 -3.88 8.99
N SER A 259 3.88 -5.15 9.04
CA SER A 259 3.53 -5.90 7.84
C SER A 259 2.52 -6.99 8.16
N GLY A 260 1.73 -7.33 7.16
CA GLY A 260 0.86 -8.49 7.22
C GLY A 260 1.72 -9.72 6.97
N SER A 261 1.12 -10.90 6.95
CA SER A 261 1.85 -12.16 6.79
C SER A 261 0.88 -13.28 6.42
N GLU A 262 1.36 -14.28 5.66
CA GLU A 262 0.53 -15.42 5.20
C GLU A 262 0.17 -16.46 6.27
N ASP A 263 0.64 -16.22 7.52
CA ASP A 263 0.37 -17.05 8.68
C ASP A 263 -0.75 -16.43 9.57
N ASN A 264 -1.48 -15.42 9.02
CA ASN A 264 -2.63 -14.74 9.63
C ASN A 264 -2.27 -13.76 10.71
N LEU A 265 -0.97 -13.47 10.87
CA LEU A 265 -0.49 -12.54 11.88
C LEU A 265 -0.02 -11.20 11.33
N VAL A 266 -0.08 -10.16 12.19
CA VAL A 266 0.50 -8.86 11.88
C VAL A 266 1.86 -8.84 12.57
N TYR A 267 2.94 -8.72 11.81
CA TYR A 267 4.30 -8.63 12.37
C TYR A 267 4.73 -7.18 12.54
N ILE A 268 5.35 -6.89 13.68
CA ILE A 268 5.92 -5.58 14.02
C ILE A 268 7.38 -5.80 14.36
N TRP A 269 8.27 -5.01 13.73
CA TRP A 269 9.68 -5.08 14.01
C TRP A 269 10.21 -3.78 14.54
N ASN A 270 11.26 -3.85 15.36
CA ASN A 270 12.05 -2.71 15.78
C ASN A 270 12.80 -2.26 14.49
N LEU A 271 12.56 -1.02 14.03
CA LEU A 271 13.22 -0.52 12.81
C LEU A 271 14.77 -0.65 12.85
N GLN A 272 15.39 -0.29 13.97
CA GLN A 272 16.85 -0.31 14.09
C GLN A 272 17.48 -1.68 14.32
N THR A 273 16.94 -2.47 15.30
CA THR A 273 17.47 -3.78 15.70
C THR A 273 17.08 -4.93 14.79
N LYS A 274 15.98 -4.75 14.00
CA LYS A 274 15.41 -5.74 13.05
C LYS A 274 14.73 -6.89 13.80
N GLU A 275 14.66 -6.78 15.14
CA GLU A 275 14.02 -7.78 15.98
C GLU A 275 12.50 -7.63 15.91
N ILE A 276 11.80 -8.78 15.93
CA ILE A 276 10.35 -8.86 15.99
C ILE A 276 10.02 -8.45 17.43
N VAL A 277 9.17 -7.44 17.58
CA VAL A 277 8.72 -6.90 18.86
C VAL A 277 7.27 -7.33 19.20
N GLN A 278 6.46 -7.61 18.16
CA GLN A 278 5.06 -8.08 18.31
C GLN A 278 4.56 -8.88 17.11
N LYS A 279 3.67 -9.83 17.39
CA LYS A 279 2.97 -10.66 16.43
C LYS A 279 1.50 -10.60 16.87
N LEU A 280 0.63 -9.90 16.09
CA LEU A 280 -0.79 -9.72 16.43
C LEU A 280 -1.70 -10.83 15.92
N GLN A 281 -2.32 -11.52 16.84
CA GLN A 281 -3.20 -12.61 16.54
C GLN A 281 -4.63 -12.15 16.52
N GLY A 282 -5.44 -12.75 15.69
CA GLY A 282 -6.77 -12.26 15.52
C GLY A 282 -7.39 -12.75 14.24
N HIS A 283 -6.76 -12.40 13.15
CA HIS A 283 -7.20 -12.78 11.82
C HIS A 283 -7.15 -14.29 11.59
N THR A 284 -8.02 -14.77 10.69
CA THR A 284 -8.14 -16.21 10.35
C THR A 284 -7.73 -16.55 8.92
N ASP A 285 -7.21 -15.56 8.17
CA ASP A 285 -6.69 -15.73 6.81
C ASP A 285 -5.52 -14.74 6.61
N VAL A 286 -4.82 -14.83 5.45
CA VAL A 286 -3.67 -14.00 5.10
C VAL A 286 -3.96 -12.54 5.43
N VAL A 287 -3.04 -11.89 6.18
CA VAL A 287 -3.17 -10.46 6.45
C VAL A 287 -2.48 -9.77 5.23
N ILE A 288 -3.29 -9.42 4.24
CA ILE A 288 -2.86 -8.79 2.99
C ILE A 288 -2.47 -7.31 3.13
N SER A 289 -3.10 -6.61 4.09
CA SER A 289 -2.93 -5.19 4.22
C SER A 289 -2.90 -4.74 5.62
N THR A 290 -2.00 -3.82 5.89
CA THR A 290 -1.84 -3.12 7.16
C THR A 290 -1.63 -1.65 6.82
N ALA A 291 -2.09 -0.79 7.72
CA ALA A 291 -1.90 0.66 7.57
C ALA A 291 -1.68 1.25 8.94
N CYS A 292 -0.89 2.31 9.02
CA CYS A 292 -0.58 3.01 10.27
C CYS A 292 -1.25 4.37 10.29
N HIS A 293 -1.93 4.71 11.42
CA HIS A 293 -2.64 5.99 11.59
C HIS A 293 -1.66 7.16 11.55
N PRO A 294 -2.02 8.28 10.87
CA PRO A 294 -1.09 9.43 10.77
C PRO A 294 -0.57 10.07 12.06
N THR A 295 -1.41 10.28 13.08
CA THR A 295 -1.02 10.95 14.32
C THR A 295 -1.07 10.06 15.58
N GLU A 296 -1.94 9.06 15.58
CA GLU A 296 -2.16 8.14 16.72
C GLU A 296 -1.50 6.75 16.52
N ASN A 297 -1.24 6.01 17.62
CA ASN A 297 -0.60 4.69 17.53
C ASN A 297 -1.69 3.66 17.23
N ILE A 298 -2.24 3.75 16.01
CA ILE A 298 -3.32 2.89 15.56
C ILE A 298 -2.89 2.14 14.30
N ILE A 299 -3.09 0.82 14.31
CA ILE A 299 -2.83 -0.05 13.18
C ILE A 299 -4.21 -0.53 12.67
N ALA A 300 -4.38 -0.56 11.35
CA ALA A 300 -5.56 -1.13 10.73
C ALA A 300 -5.00 -2.27 9.92
N SER A 301 -5.58 -3.48 10.07
CA SER A 301 -5.17 -4.65 9.29
C SER A 301 -6.40 -5.25 8.61
N ALA A 302 -6.22 -5.92 7.46
CA ALA A 302 -7.32 -6.54 6.70
C ALA A 302 -6.93 -7.90 6.24
N ALA A 303 -7.90 -8.83 6.20
CA ALA A 303 -7.57 -10.20 5.78
C ALA A 303 -8.31 -10.71 4.56
N LEU A 304 -7.81 -11.83 4.00
CA LEU A 304 -8.35 -12.42 2.79
C LEU A 304 -9.73 -13.13 2.89
N GLU A 305 -10.11 -13.91 1.86
CA GLU A 305 -11.41 -14.58 1.67
C GLU A 305 -12.05 -15.34 2.85
N ASN A 306 -11.26 -16.16 3.55
CA ASN A 306 -11.74 -16.99 4.67
C ASN A 306 -11.99 -16.19 5.94
N ASP A 307 -11.59 -14.89 5.98
CA ASP A 307 -11.75 -13.96 7.11
C ASP A 307 -12.68 -12.78 6.75
N LYS A 308 -12.25 -11.87 5.82
CA LYS A 308 -13.02 -10.70 5.28
C LYS A 308 -13.21 -9.54 6.24
N THR A 309 -12.58 -9.61 7.43
CA THR A 309 -12.69 -8.54 8.42
C THR A 309 -11.47 -7.61 8.45
N ILE A 310 -11.69 -6.38 8.92
CA ILE A 310 -10.67 -5.35 9.15
C ILE A 310 -10.59 -5.18 10.67
N LYS A 311 -9.37 -5.09 11.22
CA LYS A 311 -9.17 -4.94 12.66
C LYS A 311 -8.44 -3.66 13.00
N LEU A 312 -8.85 -3.02 14.10
CA LEU A 312 -8.22 -1.81 14.61
C LEU A 312 -7.48 -2.15 15.88
N TRP A 313 -6.15 -1.93 15.87
CA TRP A 313 -5.27 -2.25 16.99
C TRP A 313 -4.71 -0.97 17.55
N LYS A 314 -4.69 -0.82 18.89
CA LYS A 314 -4.09 0.37 19.51
C LYS A 314 -2.99 0.05 20.50
N SER A 315 -1.96 0.91 20.53
CA SER A 315 -0.80 0.80 21.40
C SER A 315 -0.55 2.11 22.20
N ASP A 316 0.12 2.00 23.34
CA ASP A 316 0.48 3.15 24.17
C ASP A 316 1.75 3.85 23.62
N CYS A 317 2.55 3.12 22.82
CA CYS A 317 3.80 3.57 22.19
C CYS A 317 4.02 2.88 20.82
N GLU B 3 23.93 0.44 13.71
CA GLU B 3 24.02 1.59 12.79
C GLU B 3 22.61 2.17 12.56
N GLU B 4 22.26 3.23 13.32
CA GLU B 4 20.94 3.88 13.27
C GLU B 4 20.66 4.65 11.98
N VAL B 5 19.46 4.40 11.41
CA VAL B 5 18.92 4.99 10.19
C VAL B 5 17.82 6.01 10.56
N ASP B 6 17.86 7.22 9.99
CA ASP B 6 16.83 8.24 10.23
C ASP B 6 15.90 8.26 9.02
N VAL B 7 14.74 7.64 9.20
CA VAL B 7 13.71 7.44 8.19
C VAL B 7 12.67 8.59 8.08
N THR B 8 12.61 9.49 9.09
CA THR B 8 11.63 10.58 9.20
C THR B 8 12.16 12.00 8.94
N SER B 9 13.42 12.26 9.32
CA SER B 9 13.97 13.60 9.20
C SER B 9 14.23 14.07 7.80
N VAL B 10 13.55 15.18 7.48
CA VAL B 10 13.67 15.90 6.23
C VAL B 10 14.86 16.86 6.37
N TYR B 11 15.71 16.92 5.33
CA TYR B 11 16.87 17.82 5.22
C TYR B 11 17.38 17.92 3.79
N GLY C 2 -11.82 -12.57 -8.06
CA GLY C 2 -12.51 -11.31 -7.80
C GLY C 2 -11.58 -10.11 -7.88
N ALA C 3 -10.51 -10.07 -7.03
CA ALA C 3 -9.46 -9.02 -7.04
C ALA C 3 -8.12 -9.70 -7.26
N ALA C 4 -7.27 -9.17 -8.18
CA ALA C 4 -5.98 -9.79 -8.46
C ALA C 4 -5.11 -9.93 -7.23
N ARG C 5 -5.10 -8.91 -6.35
CA ARG C 5 -4.31 -8.92 -5.11
C ARG C 5 -4.75 -10.01 -4.13
N ALA C 6 -6.05 -10.37 -4.13
CA ALA C 6 -6.57 -11.44 -3.27
C ALA C 6 -6.27 -12.85 -3.81
N GLU C 7 -5.59 -12.94 -4.97
CA GLU C 7 -5.22 -14.21 -5.61
C GLU C 7 -3.74 -14.55 -5.51
N VAL C 8 -3.45 -15.75 -5.03
CA VAL C 8 -2.14 -16.39 -4.89
C VAL C 8 -1.29 -16.29 -6.17
N HIS C 9 0.04 -16.25 -6.05
CA HIS C 9 0.87 -16.25 -7.26
C HIS C 9 0.93 -17.70 -7.80
N LEU C 10 0.94 -17.86 -9.14
CA LEU C 10 0.93 -19.12 -9.89
C LEU C 10 1.80 -20.24 -9.30
#